data_8CH3
#
_entry.id   8CH3
#
_cell.length_a   46.83
_cell.length_b   60.71
_cell.length_c   151.39
_cell.angle_alpha   90
_cell.angle_beta   90
_cell.angle_gamma   90
#
_symmetry.space_group_name_H-M   'P 21 21 21'
#
loop_
_entity.id
_entity.type
_entity.pdbx_description
1 polymer 'Agrocinopine utilization periplasmic binding protein AccA'
2 branched beta-D-fructofuranose-(2-1)-alpha-D-glucopyranose
3 non-polymer 2-O-phosphono-alpha-D-glucopyranose
4 water water
#
_entity_poly.entity_id   1
_entity_poly.type   'polypeptide(L)'
_entity_poly.pdbx_seq_one_letter_code
;SAERRALKIGVNGIPVTLEPINAISNVGPRIVNQIFDTLVVRDFFSNGAPGNGINLMPSLAESWERIDDKSVRFKLRQKV
MFHDGVEMTADDVAYTFSSERLWGPDAIKVIPLGGSYALDFDEPVVEDKYTVVIRTKTPTPLTESYMASWMGRIVPKAYY
KTLGTAAFGNKPVGTGPYKFVEFVANDRVVIEANDAYWGLKPTASKITYQLVAEPATRVAGLISGEYDIVTTLTPDDMAL
INSYPDLETRGNIVENFHMFTFNMNQPVFQSKPLRRALALAVNRPLIVQSLWMNKATIPNGFNFPNYGKTFDPNRRAMEY
NIEEAKRLVKESGYDGTPITYHTMGNYYANAVPALMMMIEMWKQIGVTVVPKVYAPGGAPKDQDSYMRNWSNGQWMTDAW
ATMICEFGPKGQVQKRWGWKAPAEFNDLCTKVSQIPDSKERFDAFNRLRDIFEEEAPAVILYQPFDVYAARKDVHWRPIS
FEMMEFRNNLAFGHHHHHH
;
_entity_poly.pdbx_strand_id   A
#
# COMPACT_ATOMS: atom_id res chain seq x y z
N GLU A 3 12.80 -19.10 25.36
CA GLU A 3 13.55 -18.09 24.62
C GLU A 3 12.79 -17.65 23.37
N ARG A 4 12.18 -18.57 22.60
CA ARG A 4 11.42 -18.18 21.41
C ARG A 4 9.96 -18.48 21.59
N ARG A 5 9.17 -17.45 21.68
CA ARG A 5 7.74 -17.58 21.89
C ARG A 5 6.94 -17.61 20.62
N ALA A 6 5.74 -18.18 20.69
CA ALA A 6 4.79 -18.18 19.61
C ALA A 6 4.04 -16.89 19.75
N LEU A 7 4.04 -16.07 18.73
CA LEU A 7 3.40 -14.76 18.75
C LEU A 7 2.01 -14.88 18.23
N LYS A 8 1.07 -14.19 18.86
CA LYS A 8 -0.32 -14.14 18.48
C LYS A 8 -0.62 -12.66 18.20
N ILE A 9 -0.95 -12.32 16.95
CA ILE A 9 -1.15 -10.96 16.51
C ILE A 9 -2.58 -10.80 16.09
N GLY A 10 -3.27 -9.89 16.75
CA GLY A 10 -4.65 -9.55 16.41
C GLY A 10 -4.65 -8.46 15.37
N VAL A 11 -5.09 -8.79 14.16
CA VAL A 11 -5.02 -7.87 13.02
C VAL A 11 -6.37 -7.38 12.55
N ASN A 12 -6.36 -6.25 11.84
CA ASN A 12 -7.57 -5.64 11.25
C ASN A 12 -8.09 -6.39 10.03
N GLY A 13 -7.23 -7.15 9.37
CA GLY A 13 -7.57 -7.87 8.15
C GLY A 13 -6.52 -8.88 7.76
N ILE A 14 -6.93 -9.81 6.89
CA ILE A 14 -6.06 -10.84 6.35
C ILE A 14 -6.07 -10.64 4.84
N PRO A 15 -4.91 -10.69 4.17
CA PRO A 15 -4.94 -10.52 2.71
C PRO A 15 -5.64 -11.65 2.00
N VAL A 16 -6.09 -11.36 0.79
CA VAL A 16 -6.78 -12.34 -0.02
C VAL A 16 -5.89 -13.46 -0.58
N THR A 17 -4.61 -13.22 -0.58
CA THR A 17 -3.60 -14.12 -1.11
C THR A 17 -2.29 -13.80 -0.43
N LEU A 18 -1.31 -14.69 -0.52
CA LEU A 18 0.03 -14.46 -0.04
C LEU A 18 1.04 -14.40 -1.19
N GLU A 19 0.58 -14.27 -2.44
CA GLU A 19 1.47 -13.96 -3.57
C GLU A 19 1.88 -12.50 -3.29
N PRO A 20 3.18 -12.19 -3.24
CA PRO A 20 3.61 -10.91 -2.67
C PRO A 20 3.11 -9.64 -3.34
N ILE A 21 2.92 -9.64 -4.64
CA ILE A 21 2.39 -8.45 -5.31
C ILE A 21 0.86 -8.38 -5.12
N ASN A 22 0.14 -9.50 -5.32
CA ASN A 22 -1.28 -9.49 -5.19
C ASN A 22 -1.71 -9.30 -3.75
N ALA A 23 -0.80 -9.51 -2.75
CA ALA A 23 -1.05 -9.22 -1.34
C ALA A 23 -0.85 -7.76 -0.99
N ILE A 24 -0.44 -6.91 -1.95
CA ILE A 24 -0.19 -5.47 -1.64
C ILE A 24 -1.51 -4.86 -1.22
N SER A 25 -1.51 -4.42 0.03
CA SER A 25 -2.66 -3.92 0.75
C SER A 25 -2.15 -3.43 2.13
N ASN A 26 -3.05 -2.93 2.96
CA ASN A 26 -2.67 -2.55 4.29
C ASN A 26 -2.35 -3.76 5.17
N VAL A 27 -2.83 -4.98 4.81
CA VAL A 27 -2.77 -6.15 5.67
C VAL A 27 -1.85 -7.30 5.18
N GLY A 28 -1.45 -7.24 3.93
CA GLY A 28 -0.59 -8.29 3.36
C GLY A 28 0.88 -8.16 3.63
N PRO A 29 1.48 -6.96 3.51
CA PRO A 29 2.93 -6.80 3.71
C PRO A 29 3.42 -7.29 5.04
N ARG A 30 2.67 -7.07 6.11
CA ARG A 30 3.13 -7.53 7.42
C ARG A 30 3.36 -9.03 7.50
N ILE A 31 2.68 -9.78 6.67
CA ILE A 31 2.83 -11.24 6.61
C ILE A 31 3.89 -11.56 5.54
N VAL A 32 3.71 -11.06 4.29
CA VAL A 32 4.61 -11.47 3.23
C VAL A 32 6.02 -10.99 3.45
N ASN A 33 6.25 -9.90 4.22
CA ASN A 33 7.61 -9.46 4.49
C ASN A 33 8.36 -10.42 5.38
N GLN A 34 7.67 -11.35 6.05
CA GLN A 34 8.35 -12.39 6.81
C GLN A 34 8.62 -13.65 6.01
N ILE A 35 7.87 -13.89 4.96
CA ILE A 35 7.98 -15.09 4.12
C ILE A 35 8.97 -14.87 3.03
N PHE A 36 9.05 -13.64 2.51
CA PHE A 36 9.94 -13.32 1.42
C PHE A 36 10.98 -12.31 1.78
N ASP A 37 12.03 -12.27 0.92
CA ASP A 37 13.07 -11.24 1.02
C ASP A 37 13.15 -10.48 -0.30
N THR A 38 13.83 -9.31 -0.22
CA THR A 38 14.12 -8.46 -1.36
C THR A 38 15.66 -8.48 -1.59
N LEU A 39 16.07 -7.99 -2.75
CA LEU A 39 17.46 -7.86 -3.09
C LEU A 39 18.21 -6.90 -2.19
N VAL A 40 17.55 -5.79 -1.90
CA VAL A 40 18.11 -4.71 -1.10
C VAL A 40 17.03 -4.29 -0.14
N VAL A 41 17.42 -3.61 0.94
CA VAL A 41 16.47 -3.09 1.89
C VAL A 41 16.77 -1.61 2.19
N ARG A 42 15.75 -0.87 2.61
CA ARG A 42 15.96 0.52 3.02
C ARG A 42 16.40 0.54 4.44
N ASP A 43 17.33 1.45 4.75
CA ASP A 43 17.77 1.67 6.12
C ASP A 43 16.91 2.82 6.51
N PHE A 44 15.90 2.55 7.30
CA PHE A 44 14.95 3.57 7.72
C PHE A 44 15.57 4.59 8.70
N PHE A 45 16.77 4.35 9.22
CA PHE A 45 17.39 5.28 10.17
C PHE A 45 18.65 5.89 9.61
N SER A 46 18.82 5.88 8.26
CA SER A 46 20.01 6.46 7.64
C SER A 46 19.83 7.98 7.54
N ASN A 47 20.96 8.69 7.48
CA ASN A 47 21.00 10.15 7.42
C ASN A 47 20.07 10.84 8.46
N GLY A 48 20.17 10.39 9.72
CA GLY A 48 19.42 10.90 10.85
C GLY A 48 17.91 10.73 10.80
N ALA A 49 17.40 9.88 9.91
CA ALA A 49 15.97 9.73 9.73
C ALA A 49 15.27 9.07 10.93
N PRO A 50 14.25 9.70 11.57
CA PRO A 50 13.58 9.02 12.69
C PRO A 50 12.64 7.83 12.38
N GLY A 51 12.82 7.13 11.26
CA GLY A 51 11.96 5.99 10.94
C GLY A 51 11.64 5.75 9.49
N ASN A 52 11.86 6.75 8.60
CA ASN A 52 11.60 6.59 7.16
C ASN A 52 12.76 7.16 6.29
N GLY A 53 13.94 6.60 6.53
CA GLY A 53 15.19 6.86 5.81
C GLY A 53 15.30 6.02 4.56
N ILE A 54 16.23 6.39 3.65
CA ILE A 54 16.28 5.81 2.31
C ILE A 54 17.59 5.20 1.80
N ASN A 55 18.75 5.22 2.52
CA ASN A 55 19.96 4.55 2.05
C ASN A 55 19.65 3.06 1.87
N LEU A 56 20.11 2.49 0.78
CA LEU A 56 19.85 1.09 0.47
C LEU A 56 20.99 0.22 0.94
N MET A 57 20.61 -0.93 1.51
N MET A 57 20.62 -0.91 1.52
CA MET A 57 21.53 -1.86 2.09
CA MET A 57 21.57 -1.83 2.08
C MET A 57 21.38 -3.26 1.50
C MET A 57 21.38 -3.25 1.53
N PRO A 58 22.43 -4.09 1.54
CA PRO A 58 22.31 -5.44 0.99
C PRO A 58 21.31 -6.29 1.68
N SER A 59 20.73 -7.23 0.95
CA SER A 59 19.84 -8.24 1.48
C SER A 59 20.12 -9.53 0.68
N LEU A 60 19.22 -9.96 -0.22
CA LEU A 60 19.56 -11.11 -1.07
C LEU A 60 20.69 -10.77 -2.01
N ALA A 61 20.86 -9.52 -2.40
CA ALA A 61 22.00 -9.07 -3.16
C ALA A 61 23.04 -8.63 -2.14
N GLU A 62 24.24 -9.15 -2.26
CA GLU A 62 25.36 -8.75 -1.45
C GLU A 62 25.93 -7.41 -1.95
N SER A 63 25.87 -7.17 -3.28
CA SER A 63 26.35 -5.95 -3.83
C SER A 63 25.60 -5.68 -5.12
N TRP A 64 25.71 -4.45 -5.58
CA TRP A 64 25.07 -4.06 -6.83
C TRP A 64 25.75 -2.86 -7.40
N GLU A 65 25.71 -2.74 -8.74
N GLU A 65 25.66 -2.68 -8.72
CA GLU A 65 26.38 -1.67 -9.48
CA GLU A 65 26.30 -1.54 -9.37
C GLU A 65 25.44 -1.18 -10.57
C GLU A 65 25.46 -1.13 -10.55
N ARG A 66 25.13 0.14 -10.61
CA ARG A 66 24.39 0.68 -11.74
C ARG A 66 25.40 0.78 -12.88
N ILE A 67 25.12 0.13 -13.98
CA ILE A 67 26.03 0.13 -15.11
C ILE A 67 25.79 1.34 -16.02
N ASP A 68 24.55 1.64 -16.26
CA ASP A 68 24.14 2.77 -17.06
C ASP A 68 22.76 3.21 -16.66
N ASP A 69 22.16 4.14 -17.40
CA ASP A 69 20.89 4.68 -17.05
C ASP A 69 19.73 3.70 -17.23
N LYS A 70 19.96 2.46 -17.65
CA LYS A 70 18.94 1.43 -17.90
C LYS A 70 19.26 0.12 -17.25
N SER A 71 20.41 -0.04 -16.58
CA SER A 71 20.86 -1.37 -16.21
C SER A 71 21.58 -1.40 -14.87
N VAL A 72 21.18 -2.33 -14.00
CA VAL A 72 21.76 -2.51 -12.69
C VAL A 72 22.13 -3.93 -12.47
N ARG A 73 23.40 -4.23 -12.17
CA ARG A 73 23.90 -5.55 -11.90
C ARG A 73 23.80 -5.87 -10.40
N PHE A 74 23.18 -6.99 -10.04
CA PHE A 74 23.09 -7.44 -8.67
C PHE A 74 23.88 -8.68 -8.53
N LYS A 75 24.80 -8.75 -7.53
CA LYS A 75 25.57 -9.95 -7.18
C LYS A 75 24.85 -10.51 -5.96
N LEU A 76 24.39 -11.77 -6.12
CA LEU A 76 23.56 -12.39 -5.14
C LEU A 76 24.32 -13.16 -4.10
N ARG A 77 23.74 -13.21 -2.92
CA ARG A 77 24.22 -14.13 -1.90
C ARG A 77 24.11 -15.56 -2.39
N GLN A 78 25.05 -16.40 -2.00
CA GLN A 78 25.15 -17.77 -2.38
C GLN A 78 24.63 -18.67 -1.29
N LYS A 79 24.10 -19.84 -1.69
CA LYS A 79 23.58 -20.83 -0.78
C LYS A 79 22.39 -20.32 0.01
N VAL A 80 21.63 -19.37 -0.53
CA VAL A 80 20.36 -18.94 0.06
C VAL A 80 19.36 -20.04 -0.33
N MET A 81 18.62 -20.56 0.62
CA MET A 81 17.64 -21.60 0.35
C MET A 81 16.25 -21.06 0.43
N PHE A 82 15.42 -21.45 -0.56
CA PHE A 82 13.97 -21.28 -0.44
C PHE A 82 13.51 -22.25 0.62
N HIS A 83 12.31 -22.07 1.12
CA HIS A 83 11.79 -22.92 2.20
C HIS A 83 11.69 -24.41 1.83
N ASP A 84 11.62 -24.73 0.52
CA ASP A 84 11.50 -26.14 0.08
C ASP A 84 12.90 -26.75 -0.19
N GLY A 85 13.99 -26.04 0.16
CA GLY A 85 15.33 -26.56 -0.01
C GLY A 85 15.97 -26.29 -1.34
N VAL A 86 15.31 -25.56 -2.24
CA VAL A 86 15.86 -25.22 -3.56
C VAL A 86 16.71 -23.95 -3.38
N GLU A 87 17.94 -23.92 -3.89
CA GLU A 87 18.80 -22.77 -3.77
C GLU A 87 18.30 -21.67 -4.66
N MET A 88 18.33 -20.46 -4.15
CA MET A 88 17.95 -19.28 -4.90
C MET A 88 19.12 -18.93 -5.83
N THR A 89 18.80 -18.64 -7.08
CA THR A 89 19.82 -18.22 -8.03
C THR A 89 19.31 -17.03 -8.82
N ALA A 90 20.18 -16.51 -9.71
CA ALA A 90 19.83 -15.45 -10.62
C ALA A 90 18.61 -15.77 -11.45
N ASP A 91 18.36 -17.02 -11.73
CA ASP A 91 17.17 -17.43 -12.50
C ASP A 91 15.88 -17.01 -11.80
N ASP A 92 15.89 -17.13 -10.49
CA ASP A 92 14.71 -16.78 -9.69
C ASP A 92 14.49 -15.30 -9.71
N VAL A 93 15.56 -14.54 -9.54
CA VAL A 93 15.47 -13.08 -9.58
C VAL A 93 15.05 -12.61 -10.95
N ALA A 94 15.61 -13.18 -12.01
CA ALA A 94 15.19 -12.82 -13.36
C ALA A 94 13.70 -13.09 -13.54
N TYR A 95 13.23 -14.27 -13.12
CA TYR A 95 11.81 -14.62 -13.27
C TYR A 95 10.93 -13.64 -12.50
N THR A 96 11.34 -13.28 -11.30
CA THR A 96 10.54 -12.34 -10.48
C THR A 96 10.21 -11.05 -11.24
N PHE A 97 11.13 -10.59 -12.07
CA PHE A 97 10.93 -9.35 -12.83
C PHE A 97 10.87 -9.60 -14.32
N SER A 98 10.38 -10.75 -14.74
CA SER A 98 10.24 -11.13 -16.12
C SER A 98 8.96 -10.63 -16.77
N SER A 99 8.96 -10.63 -18.11
N SER A 99 8.92 -10.62 -18.12
CA SER A 99 7.74 -10.32 -18.83
CA SER A 99 7.66 -10.27 -18.78
C SER A 99 6.65 -11.36 -18.52
C SER A 99 6.62 -11.35 -18.50
N GLU A 100 7.05 -12.62 -18.44
CA GLU A 100 6.10 -13.72 -18.22
C GLU A 100 5.37 -13.60 -16.88
N ARG A 101 6.10 -13.27 -15.82
CA ARG A 101 5.48 -13.22 -14.52
C ARG A 101 4.90 -11.86 -14.18
N LEU A 102 5.61 -10.76 -14.52
CA LEU A 102 5.26 -9.47 -14.00
C LEU A 102 4.66 -8.45 -14.98
N TRP A 103 5.38 -8.09 -16.07
CA TRP A 103 5.01 -6.92 -16.84
C TRP A 103 4.60 -7.11 -18.26
N GLY A 104 4.53 -8.35 -18.71
CA GLY A 104 4.06 -8.67 -20.05
C GLY A 104 2.55 -8.71 -20.12
N PRO A 105 2.02 -8.96 -21.32
CA PRO A 105 0.55 -9.00 -21.47
C PRO A 105 -0.19 -10.13 -20.76
N ASP A 106 0.30 -11.37 -20.77
CA ASP A 106 -0.36 -12.48 -20.06
C ASP A 106 -0.22 -12.32 -18.54
N ALA A 107 0.90 -11.74 -18.09
CA ALA A 107 1.13 -11.51 -16.66
C ALA A 107 0.08 -10.58 -16.07
N ILE A 108 -0.34 -9.54 -16.82
CA ILE A 108 -1.39 -8.59 -16.40
C ILE A 108 -2.65 -9.26 -15.98
N LYS A 109 -2.97 -10.41 -16.56
CA LYS A 109 -4.22 -11.09 -16.29
C LYS A 109 -4.27 -11.69 -14.89
N VAL A 110 -3.12 -12.09 -14.35
CA VAL A 110 -3.07 -12.76 -13.03
C VAL A 110 -2.46 -11.90 -11.94
N ILE A 111 -1.64 -10.90 -12.28
CA ILE A 111 -1.13 -9.89 -11.34
C ILE A 111 -1.75 -8.66 -11.96
N PRO A 112 -3.07 -8.41 -11.74
CA PRO A 112 -3.74 -7.35 -12.51
C PRO A 112 -3.05 -6.01 -12.52
N LEU A 113 -2.35 -5.71 -11.46
CA LEU A 113 -1.69 -4.44 -11.26
C LEU A 113 -0.15 -4.50 -11.48
N GLY A 114 0.37 -5.61 -11.99
CA GLY A 114 1.79 -5.74 -12.27
C GLY A 114 2.26 -4.73 -13.29
N GLY A 115 1.46 -4.54 -14.32
CA GLY A 115 1.70 -3.55 -15.36
C GLY A 115 1.84 -2.13 -14.82
N SER A 116 0.78 -1.65 -14.13
CA SER A 116 0.75 -0.29 -13.57
C SER A 116 1.79 0.00 -12.52
N TYR A 117 2.23 -1.02 -11.76
CA TYR A 117 3.23 -0.85 -10.73
C TYR A 117 4.63 -1.24 -11.17
N ALA A 118 4.81 -1.70 -12.39
CA ALA A 118 6.13 -2.07 -12.87
C ALA A 118 6.80 -0.83 -13.39
N LEU A 119 8.14 -0.81 -13.25
CA LEU A 119 8.94 0.13 -13.97
C LEU A 119 8.89 -0.36 -15.45
N ASP A 120 9.43 0.40 -16.37
CA ASP A 120 9.42 0.05 -17.80
C ASP A 120 10.51 -0.97 -18.06
N PHE A 121 10.32 -2.18 -17.49
CA PHE A 121 11.32 -3.20 -17.57
C PHE A 121 11.55 -3.76 -18.93
N ASP A 122 12.77 -4.15 -19.19
CA ASP A 122 13.11 -5.05 -20.25
C ASP A 122 13.44 -6.40 -19.57
N GLU A 123 13.69 -7.44 -20.35
CA GLU A 123 13.92 -8.75 -19.77
C GLU A 123 15.21 -8.78 -18.97
N PRO A 124 15.20 -9.29 -17.72
CA PRO A 124 16.47 -9.38 -17.00
C PRO A 124 17.45 -10.28 -17.73
N VAL A 125 18.76 -10.07 -17.46
CA VAL A 125 19.79 -10.92 -18.01
C VAL A 125 20.50 -11.64 -16.89
N VAL A 126 20.56 -12.96 -16.98
CA VAL A 126 21.34 -13.75 -16.06
C VAL A 126 22.77 -13.88 -16.67
N GLU A 127 23.77 -13.35 -15.95
CA GLU A 127 25.17 -13.46 -16.41
C GLU A 127 25.82 -14.75 -15.91
N ASP A 128 25.50 -15.13 -14.67
CA ASP A 128 25.96 -16.37 -14.08
C ASP A 128 25.02 -16.73 -12.93
N LYS A 129 25.27 -17.87 -12.27
CA LYS A 129 24.38 -18.39 -11.25
C LYS A 129 23.98 -17.39 -10.20
N TYR A 130 24.91 -16.47 -9.88
CA TYR A 130 24.68 -15.51 -8.84
C TYR A 130 24.76 -14.06 -9.28
N THR A 131 24.55 -13.80 -10.59
CA THR A 131 24.66 -12.43 -11.08
C THR A 131 23.53 -12.18 -12.06
N VAL A 132 22.73 -11.18 -11.78
CA VAL A 132 21.60 -10.82 -12.63
C VAL A 132 21.64 -9.34 -12.91
N VAL A 133 21.24 -8.96 -14.12
CA VAL A 133 21.14 -7.55 -14.51
C VAL A 133 19.67 -7.23 -14.74
N ILE A 134 19.19 -6.23 -14.04
CA ILE A 134 17.83 -5.77 -14.11
C ILE A 134 17.89 -4.57 -15.06
N ARG A 135 17.06 -4.61 -16.06
CA ARG A 135 17.08 -3.63 -17.14
C ARG A 135 15.80 -2.92 -17.31
N THR A 136 15.86 -1.69 -17.84
CA THR A 136 14.68 -0.96 -18.25
C THR A 136 14.82 -0.56 -19.72
N LYS A 137 13.70 -0.54 -20.43
CA LYS A 137 13.66 -0.16 -21.86
C LYS A 137 13.96 1.33 -22.03
N THR A 138 13.66 2.14 -21.03
CA THR A 138 13.97 3.57 -21.02
C THR A 138 14.71 3.88 -19.74
N PRO A 139 15.40 5.02 -19.68
CA PRO A 139 16.15 5.34 -18.46
C PRO A 139 15.26 5.54 -17.26
N THR A 140 15.72 5.10 -16.06
CA THR A 140 15.04 5.43 -14.83
C THR A 140 16.04 5.29 -13.70
N PRO A 141 16.05 6.25 -12.78
CA PRO A 141 16.94 6.10 -11.61
C PRO A 141 16.34 5.24 -10.51
N LEU A 142 15.10 4.75 -10.68
CA LEU A 142 14.39 4.13 -9.59
C LEU A 142 14.60 2.67 -9.37
N THR A 143 15.36 2.00 -10.22
CA THR A 143 15.49 0.56 -10.15
C THR A 143 15.91 0.03 -8.80
N GLU A 144 16.96 0.60 -8.22
CA GLU A 144 17.53 0.10 -7.00
C GLU A 144 16.51 0.24 -5.85
N SER A 145 15.92 1.46 -5.70
CA SER A 145 14.95 1.65 -4.60
C SER A 145 13.70 0.83 -4.82
N TYR A 146 13.28 0.61 -6.09
CA TYR A 146 12.16 -0.27 -6.40
C TYR A 146 12.41 -1.70 -5.87
N MET A 147 13.64 -2.16 -5.92
CA MET A 147 13.96 -3.49 -5.45
CA MET A 147 13.99 -3.50 -5.49
C MET A 147 13.85 -3.64 -3.96
N ALA A 148 13.81 -2.53 -3.22
CA ALA A 148 13.60 -2.58 -1.77
C ALA A 148 12.10 -2.50 -1.45
N SER A 149 11.25 -2.25 -2.43
CA SER A 149 9.86 -2.02 -2.24
C SER A 149 9.05 -3.32 -2.15
N TRP A 150 7.75 -3.16 -1.90
CA TRP A 150 6.84 -4.30 -1.93
C TRP A 150 6.63 -4.95 -3.27
N MET A 151 7.21 -4.38 -4.35
CA MET A 151 7.19 -5.06 -5.63
C MET A 151 8.39 -6.00 -5.77
N GLY A 152 9.40 -5.92 -4.88
CA GLY A 152 10.66 -6.61 -5.10
C GLY A 152 10.84 -7.96 -4.45
N ARG A 153 9.82 -8.49 -3.84
CA ARG A 153 9.99 -9.76 -3.10
C ARG A 153 10.28 -10.90 -4.08
N ILE A 154 11.33 -11.68 -3.79
CA ILE A 154 11.80 -12.69 -4.73
C ILE A 154 11.08 -14.00 -4.60
N VAL A 155 10.57 -14.50 -5.70
CA VAL A 155 9.82 -15.75 -5.76
C VAL A 155 10.69 -16.81 -6.40
N PRO A 156 10.33 -18.09 -6.09
CA PRO A 156 11.06 -19.23 -6.70
C PRO A 156 10.52 -19.52 -8.07
N LYS A 157 11.35 -19.43 -9.09
CA LYS A 157 10.88 -19.57 -10.45
C LYS A 157 10.19 -20.93 -10.69
N ALA A 158 10.88 -22.05 -10.47
CA ALA A 158 10.32 -23.33 -10.85
C ALA A 158 8.99 -23.62 -10.18
N TYR A 159 8.98 -23.43 -8.86
CA TYR A 159 7.80 -23.73 -8.08
C TYR A 159 6.67 -22.79 -8.41
N TYR A 160 6.95 -21.51 -8.50
CA TYR A 160 5.93 -20.50 -8.80
C TYR A 160 5.36 -20.75 -10.18
N LYS A 161 6.22 -20.94 -11.18
CA LYS A 161 5.75 -21.16 -12.56
C LYS A 161 4.89 -22.41 -12.71
N THR A 162 5.27 -23.44 -11.95
CA THR A 162 4.53 -24.69 -12.00
C THR A 162 3.14 -24.49 -11.43
N LEU A 163 3.04 -23.85 -10.27
CA LEU A 163 1.73 -23.66 -9.65
C LEU A 163 0.88 -22.58 -10.32
N GLY A 164 1.51 -21.55 -10.81
CA GLY A 164 0.84 -20.37 -11.30
C GLY A 164 0.57 -19.43 -10.14
N THR A 165 0.48 -18.13 -10.48
CA THR A 165 0.28 -17.04 -9.50
C THR A 165 -0.80 -17.35 -8.43
N ALA A 166 -2.01 -17.73 -8.83
CA ALA A 166 -3.09 -17.94 -7.87
C ALA A 166 -2.81 -19.06 -6.88
N ALA A 167 -2.43 -20.25 -7.36
CA ALA A 167 -2.17 -21.37 -6.48
C ALA A 167 -0.92 -21.10 -5.63
N PHE A 168 0.11 -20.45 -6.21
CA PHE A 168 1.31 -20.09 -5.42
C PHE A 168 0.90 -19.22 -4.20
N GLY A 169 -0.07 -18.33 -4.43
CA GLY A 169 -0.52 -17.45 -3.36
C GLY A 169 -1.21 -18.15 -2.20
N ASN A 170 -1.65 -19.39 -2.41
CA ASN A 170 -2.23 -20.19 -1.33
C ASN A 170 -1.20 -21.10 -0.61
N LYS A 171 0.00 -21.27 -1.19
CA LYS A 171 1.06 -22.10 -0.65
C LYS A 171 2.40 -21.46 -0.96
N PRO A 172 2.64 -20.26 -0.46
CA PRO A 172 3.86 -19.54 -0.83
C PRO A 172 5.14 -20.17 -0.32
N VAL A 173 6.18 -20.05 -1.13
CA VAL A 173 7.53 -20.48 -0.78
C VAL A 173 8.41 -19.30 -1.05
N GLY A 174 9.16 -18.88 -0.05
CA GLY A 174 10.10 -17.78 -0.16
C GLY A 174 11.42 -18.11 0.48
N THR A 175 12.25 -17.10 0.66
CA THR A 175 13.55 -17.24 1.34
C THR A 175 13.57 -16.62 2.72
N GLY A 176 12.46 -16.08 3.18
CA GLY A 176 12.38 -15.29 4.40
C GLY A 176 12.56 -16.07 5.66
N PRO A 177 12.59 -15.32 6.77
CA PRO A 177 12.86 -15.92 8.06
C PRO A 177 11.74 -16.75 8.62
N TYR A 178 10.51 -16.66 8.04
CA TYR A 178 9.41 -17.50 8.48
C TYR A 178 8.83 -18.18 7.27
N LYS A 179 8.39 -19.42 7.44
CA LYS A 179 7.86 -20.21 6.37
C LYS A 179 6.39 -20.49 6.55
N PHE A 180 5.70 -20.62 5.43
CA PHE A 180 4.27 -20.80 5.45
C PHE A 180 3.81 -22.05 6.16
N VAL A 181 2.75 -21.93 6.97
CA VAL A 181 2.12 -23.09 7.59
C VAL A 181 0.66 -23.20 7.14
N GLU A 182 -0.18 -22.17 7.36
CA GLU A 182 -1.60 -22.24 7.10
C GLU A 182 -2.15 -20.89 6.71
N PHE A 183 -3.18 -20.90 5.87
CA PHE A 183 -3.92 -19.74 5.46
C PHE A 183 -5.39 -20.13 5.42
N VAL A 184 -6.21 -19.50 6.29
CA VAL A 184 -7.67 -19.71 6.32
C VAL A 184 -8.20 -18.37 5.91
N ALA A 185 -8.82 -18.27 4.71
CA ALA A 185 -9.34 -17.02 4.16
C ALA A 185 -10.23 -16.28 5.15
N ASN A 186 -10.02 -14.97 5.30
CA ASN A 186 -10.81 -14.13 6.18
C ASN A 186 -10.69 -14.51 7.65
N ASP A 187 -9.61 -15.21 8.04
CA ASP A 187 -9.49 -15.66 9.41
C ASP A 187 -8.06 -15.60 9.97
N ARG A 188 -7.12 -16.35 9.36
CA ARG A 188 -5.76 -16.37 9.93
C ARG A 188 -4.71 -16.83 8.98
N VAL A 189 -3.49 -16.45 9.28
CA VAL A 189 -2.29 -16.97 8.64
C VAL A 189 -1.36 -17.39 9.73
N VAL A 190 -0.72 -18.55 9.54
CA VAL A 190 0.28 -19.05 10.47
C VAL A 190 1.55 -19.29 9.72
N ILE A 191 2.66 -18.75 10.25
CA ILE A 191 3.99 -18.96 9.73
C ILE A 191 4.90 -19.39 10.85
N GLU A 192 5.95 -20.11 10.51
CA GLU A 192 6.86 -20.68 11.48
C GLU A 192 8.29 -20.38 11.24
N ALA A 193 9.10 -20.41 12.29
CA ALA A 193 10.52 -20.03 12.17
C ALA A 193 11.24 -20.86 11.12
N ASN A 194 12.00 -20.21 10.22
CA ASN A 194 12.84 -20.85 9.24
C ASN A 194 14.26 -20.76 9.77
N ASP A 195 14.72 -21.81 10.47
CA ASP A 195 16.08 -21.77 11.02
C ASP A 195 17.15 -22.01 9.95
N ALA A 196 16.76 -22.26 8.69
CA ALA A 196 17.70 -22.33 7.56
C ALA A 196 17.89 -20.95 6.94
N TYR A 197 17.27 -19.92 7.51
CA TYR A 197 17.38 -18.56 7.03
C TYR A 197 18.84 -18.13 6.87
N TRP A 198 19.14 -17.42 5.82
CA TRP A 198 20.48 -16.96 5.56
C TRP A 198 20.93 -15.86 6.48
N GLY A 199 19.99 -15.11 7.02
CA GLY A 199 20.20 -13.93 7.84
C GLY A 199 20.15 -14.27 9.31
N LEU A 200 19.79 -13.29 10.13
CA LEU A 200 19.71 -13.50 11.55
C LEU A 200 18.63 -14.53 11.85
N LYS A 201 18.90 -15.40 12.78
CA LYS A 201 17.97 -16.47 13.13
C LYS A 201 16.67 -15.87 13.61
N PRO A 202 15.51 -16.43 13.23
CA PRO A 202 14.25 -15.90 13.74
C PRO A 202 14.21 -15.96 15.26
N THR A 203 13.55 -14.97 15.86
CA THR A 203 13.45 -14.87 17.30
C THR A 203 12.12 -15.32 17.86
N ALA A 204 11.12 -15.63 17.03
CA ALA A 204 9.87 -16.19 17.46
C ALA A 204 9.79 -17.61 16.87
N SER A 205 9.10 -18.51 17.54
CA SER A 205 8.96 -19.87 17.02
C SER A 205 7.91 -19.96 15.93
N LYS A 206 6.89 -19.13 16.04
CA LYS A 206 5.75 -19.11 15.13
C LYS A 206 5.01 -17.81 15.32
N ILE A 207 4.33 -17.38 14.25
CA ILE A 207 3.53 -16.20 14.28
C ILE A 207 2.18 -16.55 13.69
N THR A 208 1.12 -16.21 14.42
CA THR A 208 -0.24 -16.35 13.97
C THR A 208 -0.83 -14.94 13.82
N TYR A 209 -1.31 -14.62 12.65
CA TYR A 209 -2.01 -13.35 12.38
C TYR A 209 -3.47 -13.76 12.39
N GLN A 210 -4.26 -13.25 13.35
CA GLN A 210 -5.66 -13.62 13.52
C GLN A 210 -6.48 -12.39 13.25
N LEU A 211 -7.47 -12.49 12.34
CA LEU A 211 -8.35 -11.38 12.06
C LEU A 211 -9.24 -11.17 13.32
N VAL A 212 -9.23 -9.93 13.83
CA VAL A 212 -10.09 -9.50 14.93
C VAL A 212 -10.67 -8.21 14.42
N ALA A 213 -11.85 -8.26 13.80
CA ALA A 213 -12.37 -7.14 13.04
C ALA A 213 -12.57 -5.86 13.81
N GLU A 214 -13.08 -5.95 15.04
CA GLU A 214 -13.39 -4.74 15.81
C GLU A 214 -12.20 -4.28 16.67
N PRO A 215 -11.80 -2.99 16.61
CA PRO A 215 -10.63 -2.56 17.39
C PRO A 215 -10.80 -2.74 18.89
N ALA A 216 -12.01 -2.54 19.43
CA ALA A 216 -12.19 -2.75 20.87
C ALA A 216 -11.95 -4.17 21.29
N THR A 217 -12.26 -5.15 20.42
CA THR A 217 -11.98 -6.57 20.69
C THR A 217 -10.48 -6.84 20.64
N ARG A 218 -9.76 -6.16 19.75
CA ARG A 218 -8.30 -6.27 19.70
C ARG A 218 -7.68 -5.72 20.97
N VAL A 219 -8.15 -4.55 21.42
CA VAL A 219 -7.63 -3.95 22.66
C VAL A 219 -7.93 -4.87 23.83
N ALA A 220 -9.15 -5.41 23.92
CA ALA A 220 -9.48 -6.33 25.00
C ALA A 220 -8.71 -7.64 24.96
N GLY A 221 -8.34 -8.09 23.77
CA GLY A 221 -7.55 -9.30 23.62
C GLY A 221 -6.10 -9.09 24.02
N LEU A 222 -5.56 -7.88 23.81
CA LEU A 222 -4.19 -7.57 24.25
C LEU A 222 -4.21 -7.51 25.81
N ILE A 223 -5.23 -6.86 26.36
CA ILE A 223 -5.34 -6.73 27.83
C ILE A 223 -5.45 -8.11 28.52
N SER A 224 -6.22 -9.04 27.95
CA SER A 224 -6.37 -10.37 28.51
C SER A 224 -5.24 -11.35 28.25
N GLY A 225 -4.28 -11.01 27.39
CA GLY A 225 -3.19 -11.92 27.05
C GLY A 225 -3.46 -12.88 25.91
N GLU A 226 -4.62 -12.76 25.25
CA GLU A 226 -4.98 -13.58 24.09
C GLU A 226 -4.08 -13.20 22.91
N TYR A 227 -3.69 -11.91 22.82
CA TYR A 227 -2.81 -11.43 21.77
C TYR A 227 -1.61 -10.80 22.39
N ASP A 228 -0.49 -10.96 21.71
CA ASP A 228 0.78 -10.36 22.09
C ASP A 228 0.96 -8.97 21.52
N ILE A 229 0.41 -8.77 20.31
CA ILE A 229 0.46 -7.55 19.50
C ILE A 229 -0.88 -7.38 18.81
N VAL A 230 -1.34 -6.14 18.72
CA VAL A 230 -2.56 -5.82 17.96
C VAL A 230 -2.30 -4.60 17.12
N THR A 231 -2.94 -4.57 15.93
CA THR A 231 -2.70 -3.50 14.98
C THR A 231 -3.88 -2.57 14.83
N THR A 232 -3.66 -1.46 14.10
CA THR A 232 -4.67 -0.59 13.56
C THR A 232 -5.57 0.00 14.61
N LEU A 233 -4.95 0.56 15.62
CA LEU A 233 -5.69 1.24 16.68
C LEU A 233 -5.68 2.74 16.37
N THR A 234 -6.31 3.54 17.22
CA THR A 234 -6.35 4.99 17.05
C THR A 234 -5.72 5.66 18.30
N PRO A 235 -5.39 6.97 18.23
CA PRO A 235 -4.83 7.63 19.41
C PRO A 235 -5.69 7.53 20.66
N ASP A 236 -7.02 7.47 20.48
CA ASP A 236 -7.99 7.36 21.58
C ASP A 236 -7.74 6.10 22.42
N ASP A 237 -7.20 5.02 21.83
CA ASP A 237 -6.96 3.79 22.60
C ASP A 237 -5.71 3.84 23.48
N MET A 238 -4.84 4.82 23.27
CA MET A 238 -3.55 4.83 23.90
C MET A 238 -3.60 4.95 25.41
N ALA A 239 -4.40 5.88 25.95
CA ALA A 239 -4.45 6.05 27.41
C ALA A 239 -4.78 4.76 28.16
N LEU A 240 -5.84 4.04 27.73
CA LEU A 240 -6.23 2.81 28.39
C LEU A 240 -5.11 1.76 28.30
N ILE A 241 -4.56 1.53 27.11
CA ILE A 241 -3.51 0.50 27.00
C ILE A 241 -2.29 0.84 27.86
N ASN A 242 -1.80 2.08 27.75
CA ASN A 242 -0.62 2.50 28.50
C ASN A 242 -0.85 2.56 29.99
N SER A 243 -2.10 2.49 30.47
CA SER A 243 -2.36 2.39 31.93
C SER A 243 -2.02 0.99 32.48
N TYR A 244 -1.64 0.01 31.59
CA TYR A 244 -1.28 -1.35 31.98
C TYR A 244 0.22 -1.42 31.91
N PRO A 245 0.93 -1.57 33.05
CA PRO A 245 2.38 -1.56 33.02
C PRO A 245 3.02 -2.56 32.11
N ASP A 246 2.37 -3.71 31.85
CA ASP A 246 2.94 -4.70 30.94
C ASP A 246 2.73 -4.42 29.48
N LEU A 247 1.92 -3.40 29.13
CA LEU A 247 1.60 -3.09 27.76
C LEU A 247 2.11 -1.74 27.33
N GLU A 248 2.15 -1.54 26.02
CA GLU A 248 2.52 -0.25 25.49
C GLU A 248 1.96 -0.06 24.09
N THR A 249 1.93 1.19 23.66
CA THR A 249 1.48 1.58 22.34
C THR A 249 2.59 2.31 21.63
N ARG A 250 2.52 2.31 20.32
CA ARG A 250 3.44 3.05 19.47
C ARG A 250 2.58 3.67 18.38
N GLY A 251 2.75 4.94 18.13
CA GLY A 251 1.98 5.65 17.13
C GLY A 251 2.85 6.53 16.27
N ASN A 252 2.51 6.63 14.98
CA ASN A 252 3.28 7.48 14.08
C ASN A 252 2.45 7.81 12.85
N ILE A 253 2.77 8.96 12.23
CA ILE A 253 2.20 9.28 10.93
C ILE A 253 2.91 8.34 9.94
N VAL A 254 2.11 7.66 9.12
CA VAL A 254 2.57 6.73 8.12
C VAL A 254 2.50 7.39 6.73
N GLU A 255 3.30 6.85 5.80
CA GLU A 255 3.42 7.34 4.44
C GLU A 255 2.34 6.66 3.64
N ASN A 256 1.11 6.98 4.03
CA ASN A 256 -0.10 6.42 3.47
C ASN A 256 -1.19 7.44 3.71
N PHE A 257 -2.13 7.56 2.76
CA PHE A 257 -3.27 8.43 2.96
C PHE A 257 -4.53 7.64 2.83
N HIS A 258 -5.47 7.93 3.71
CA HIS A 258 -6.84 7.45 3.58
C HIS A 258 -7.57 8.34 2.58
N MET A 259 -8.53 7.76 1.88
CA MET A 259 -9.34 8.48 0.94
C MET A 259 -10.72 7.84 0.80
N PHE A 260 -11.58 8.52 0.04
CA PHE A 260 -12.73 7.90 -0.53
C PHE A 260 -12.66 8.12 -2.02
N THR A 261 -13.28 7.20 -2.75
CA THR A 261 -13.22 7.20 -4.20
C THR A 261 -14.53 6.67 -4.75
N PHE A 262 -14.61 6.61 -6.06
CA PHE A 262 -15.83 6.37 -6.78
C PHE A 262 -15.71 5.34 -7.84
N ASN A 263 -16.83 4.70 -8.16
CA ASN A 263 -16.88 3.80 -9.31
C ASN A 263 -17.40 4.73 -10.42
N MET A 264 -16.50 5.23 -11.25
CA MET A 264 -16.81 6.17 -12.32
C MET A 264 -17.37 5.50 -13.57
N ASN A 265 -17.52 4.15 -13.56
CA ASN A 265 -18.33 3.46 -14.56
C ASN A 265 -19.82 3.75 -14.26
N GLN A 266 -20.19 4.13 -13.00
CA GLN A 266 -21.58 4.42 -12.63
C GLN A 266 -22.01 5.78 -13.20
N PRO A 267 -23.17 5.89 -13.86
CA PRO A 267 -23.62 7.20 -14.35
C PRO A 267 -23.58 8.37 -13.36
N VAL A 268 -23.89 8.11 -12.10
CA VAL A 268 -23.91 9.16 -11.06
C VAL A 268 -22.46 9.76 -10.86
N PHE A 269 -21.40 8.97 -11.14
CA PHE A 269 -20.01 9.44 -11.00
C PHE A 269 -19.17 9.43 -12.31
N GLN A 270 -19.80 9.41 -13.50
CA GLN A 270 -19.06 9.44 -14.77
C GLN A 270 -18.41 10.82 -15.03
N SER A 271 -18.94 11.90 -14.43
CA SER A 271 -18.45 13.27 -14.62
C SER A 271 -18.00 13.87 -13.30
N LYS A 272 -17.07 14.84 -13.37
CA LYS A 272 -16.49 15.45 -12.16
C LYS A 272 -17.43 16.31 -11.27
N PRO A 273 -18.50 17.02 -11.74
CA PRO A 273 -19.24 17.90 -10.80
C PRO A 273 -19.65 17.31 -9.43
N LEU A 274 -20.35 16.16 -9.39
CA LEU A 274 -20.81 15.59 -8.14
C LEU A 274 -19.63 14.98 -7.35
N ARG A 275 -18.62 14.44 -8.04
CA ARG A 275 -17.41 13.96 -7.35
C ARG A 275 -16.71 15.14 -6.63
N ARG A 276 -16.54 16.25 -7.33
CA ARG A 276 -15.90 17.44 -6.77
C ARG A 276 -16.78 18.06 -5.68
N ALA A 277 -18.11 18.05 -5.83
CA ALA A 277 -19.02 18.58 -4.82
C ALA A 277 -18.82 17.85 -3.48
N LEU A 278 -18.76 16.50 -3.52
CA LEU A 278 -18.56 15.69 -2.32
C LEU A 278 -17.19 15.97 -1.72
N ALA A 279 -16.18 16.20 -2.58
CA ALA A 279 -14.82 16.51 -2.16
C ALA A 279 -14.74 17.86 -1.43
N LEU A 280 -15.36 18.91 -1.99
CA LEU A 280 -15.29 20.24 -1.40
C LEU A 280 -16.11 20.35 -0.10
N ALA A 281 -17.00 19.41 0.20
CA ALA A 281 -17.80 19.43 1.43
C ALA A 281 -17.15 18.66 2.60
N VAL A 282 -15.92 18.13 2.43
CA VAL A 282 -15.26 17.38 3.49
C VAL A 282 -14.49 18.36 4.35
N ASN A 283 -14.89 18.46 5.63
CA ASN A 283 -14.23 19.32 6.62
C ASN A 283 -13.22 18.46 7.31
N ARG A 284 -12.03 18.37 6.72
CA ARG A 284 -10.99 17.49 7.27
C ARG A 284 -10.53 17.88 8.71
N PRO A 285 -10.24 19.17 9.02
CA PRO A 285 -9.82 19.49 10.40
C PRO A 285 -10.81 19.04 11.47
N LEU A 286 -12.13 19.09 11.18
CA LEU A 286 -13.14 18.68 12.14
C LEU A 286 -13.04 17.19 12.40
N ILE A 287 -12.84 16.40 11.35
CA ILE A 287 -12.71 14.93 11.47
C ILE A 287 -11.46 14.57 12.28
N VAL A 288 -10.34 15.23 11.97
CA VAL A 288 -9.07 15.01 12.64
C VAL A 288 -9.16 15.37 14.12
N GLN A 289 -9.83 16.48 14.43
CA GLN A 289 -10.02 16.92 15.82
C GLN A 289 -10.97 15.99 16.57
N SER A 290 -12.05 15.54 15.91
CA SER A 290 -13.02 14.67 16.58
C SER A 290 -12.52 13.27 16.83
N LEU A 291 -11.94 12.63 15.83
CA LEU A 291 -11.60 11.22 15.89
C LEU A 291 -10.16 10.85 16.00
N TRP A 292 -9.24 11.78 15.80
CA TRP A 292 -7.82 11.45 15.78
C TRP A 292 -6.98 12.19 16.80
N MET A 293 -7.61 12.88 17.79
CA MET A 293 -6.92 13.69 18.82
C MET A 293 -5.94 14.66 18.17
N ASN A 294 -6.29 15.18 16.98
CA ASN A 294 -5.45 16.10 16.23
C ASN A 294 -4.09 15.53 15.87
N LYS A 295 -3.97 14.19 15.76
CA LYS A 295 -2.68 13.57 15.45
C LYS A 295 -2.58 13.14 13.98
N ALA A 296 -3.69 12.94 13.29
CA ALA A 296 -3.64 12.65 11.84
C ALA A 296 -3.21 13.94 11.11
N THR A 297 -2.50 13.81 9.99
CA THR A 297 -1.94 14.92 9.22
C THR A 297 -2.72 15.11 7.94
N ILE A 298 -2.94 16.35 7.53
CA ILE A 298 -3.66 16.62 6.29
C ILE A 298 -2.61 17.11 5.31
N PRO A 299 -2.36 16.37 4.20
CA PRO A 299 -1.32 16.83 3.28
C PRO A 299 -1.81 17.95 2.38
N ASN A 300 -0.87 18.74 1.85
CA ASN A 300 -1.20 19.81 0.90
C ASN A 300 -1.28 19.17 -0.47
N GLY A 301 -2.38 18.47 -0.71
CA GLY A 301 -2.60 17.75 -1.96
C GLY A 301 -1.99 16.36 -1.99
N PHE A 302 -1.96 15.80 -3.20
CA PHE A 302 -1.40 14.48 -3.47
C PHE A 302 0.12 14.69 -3.53
N ASN A 303 0.70 14.94 -2.36
CA ASN A 303 2.01 15.50 -2.20
C ASN A 303 2.54 15.20 -0.82
N PHE A 304 3.57 14.35 -0.75
CA PHE A 304 4.12 13.87 0.50
C PHE A 304 5.63 14.07 0.58
N PRO A 305 6.19 14.31 1.80
CA PRO A 305 7.63 14.59 1.90
C PRO A 305 8.53 13.50 1.40
N ASN A 306 8.09 12.23 1.46
CA ASN A 306 8.93 11.14 0.97
C ASN A 306 9.19 11.22 -0.52
N TYR A 307 8.48 12.09 -1.28
CA TYR A 307 8.75 12.21 -2.72
C TYR A 307 10.09 12.91 -2.99
N GLY A 308 10.73 13.52 -1.99
CA GLY A 308 12.04 14.13 -2.17
C GLY A 308 12.04 15.29 -3.13
N LYS A 309 12.61 15.08 -4.33
CA LYS A 309 12.70 16.17 -5.30
C LYS A 309 11.33 16.55 -5.91
N THR A 310 10.34 15.64 -5.84
CA THR A 310 9.01 15.92 -6.34
C THR A 310 8.00 16.19 -5.21
N PHE A 311 8.47 16.54 -4.00
CA PHE A 311 7.60 17.01 -2.93
C PHE A 311 7.62 18.54 -3.05
N ASP A 312 6.46 19.19 -2.95
CA ASP A 312 6.40 20.64 -2.99
C ASP A 312 6.03 21.12 -1.57
N PRO A 313 6.98 21.61 -0.74
CA PRO A 313 6.61 22.07 0.62
C PRO A 313 5.74 23.30 0.72
N ASN A 314 5.65 24.08 -0.37
CA ASN A 314 4.87 25.31 -0.45
C ASN A 314 3.54 25.16 -1.22
N ARG A 315 3.10 23.92 -1.52
CA ARG A 315 1.84 23.73 -2.22
C ARG A 315 0.67 24.12 -1.31
N ARG A 316 -0.37 24.72 -1.91
CA ARG A 316 -1.57 25.14 -1.19
C ARG A 316 -2.33 23.94 -0.61
N ALA A 317 -3.16 24.22 0.39
CA ALA A 317 -4.01 23.21 0.99
C ALA A 317 -5.12 22.79 0.01
N MET A 318 -5.70 21.61 0.24
CA MET A 318 -6.85 21.11 -0.50
C MET A 318 -8.05 21.95 -0.02
N GLU A 319 -8.94 22.28 -0.95
CA GLU A 319 -10.05 23.20 -0.74
C GLU A 319 -11.24 22.64 0.06
N TYR A 320 -11.84 23.52 0.88
CA TYR A 320 -13.06 23.24 1.63
C TYR A 320 -13.95 24.41 1.24
N ASN A 321 -14.97 24.16 0.43
CA ASN A 321 -15.83 25.23 -0.06
C ASN A 321 -17.25 24.70 -0.28
N ILE A 322 -18.07 24.74 0.77
CA ILE A 322 -19.45 24.25 0.67
C ILE A 322 -20.32 25.15 -0.21
N GLU A 323 -19.99 26.46 -0.40
CA GLU A 323 -20.71 27.30 -1.35
C GLU A 323 -20.56 26.71 -2.76
N GLU A 324 -19.33 26.33 -3.14
CA GLU A 324 -19.08 25.75 -4.46
C GLU A 324 -19.65 24.35 -4.52
N ALA A 325 -19.56 23.57 -3.42
CA ALA A 325 -20.10 22.21 -3.40
C ALA A 325 -21.61 22.23 -3.65
N LYS A 326 -22.33 23.15 -3.00
CA LYS A 326 -23.78 23.27 -3.19
C LYS A 326 -24.11 23.62 -4.63
N ARG A 327 -23.31 24.53 -5.23
CA ARG A 327 -23.48 24.96 -6.62
C ARG A 327 -23.21 23.80 -7.58
N LEU A 328 -22.23 22.93 -7.28
CA LEU A 328 -21.94 21.79 -8.15
C LEU A 328 -23.00 20.68 -8.02
N VAL A 329 -23.64 20.52 -6.84
CA VAL A 329 -24.71 19.50 -6.69
C VAL A 329 -25.87 19.87 -7.60
N LYS A 330 -26.25 21.15 -7.59
CA LYS A 330 -27.34 21.66 -8.43
C LYS A 330 -27.00 21.45 -9.93
N GLU A 331 -25.77 21.79 -10.35
CA GLU A 331 -25.34 21.65 -11.75
C GLU A 331 -25.43 20.19 -12.22
N SER A 332 -24.97 19.24 -11.40
CA SER A 332 -24.99 17.81 -11.73
C SER A 332 -26.38 17.23 -12.05
N GLY A 333 -27.44 17.90 -11.60
CA GLY A 333 -28.80 17.42 -11.75
C GLY A 333 -29.12 16.26 -10.81
N TYR A 334 -28.37 16.17 -9.68
CA TYR A 334 -28.51 15.11 -8.69
C TYR A 334 -29.96 15.05 -8.15
N ASP A 335 -30.67 13.95 -8.48
CA ASP A 335 -32.09 13.72 -8.16
C ASP A 335 -32.43 13.57 -6.65
N GLY A 336 -31.43 13.34 -5.81
CA GLY A 336 -31.66 13.10 -4.39
C GLY A 336 -31.64 11.62 -4.02
N THR A 337 -31.37 10.73 -5.01
CA THR A 337 -31.36 9.29 -4.84
C THR A 337 -30.24 8.90 -3.87
N PRO A 338 -30.46 8.08 -2.82
CA PRO A 338 -29.34 7.75 -1.93
C PRO A 338 -28.18 7.04 -2.63
N ILE A 339 -26.94 7.41 -2.26
CA ILE A 339 -25.74 6.80 -2.82
C ILE A 339 -25.08 5.97 -1.73
N THR A 340 -24.76 4.70 -2.02
CA THR A 340 -24.09 3.87 -1.03
C THR A 340 -22.61 4.22 -0.91
N TYR A 341 -22.07 4.01 0.29
CA TYR A 341 -20.65 4.14 0.57
C TYR A 341 -20.29 2.85 1.26
N HIS A 342 -19.52 1.98 0.56
CA HIS A 342 -19.12 0.68 1.06
C HIS A 342 -17.86 0.80 1.91
N THR A 343 -17.85 0.13 3.07
CA THR A 343 -16.71 0.07 3.99
C THR A 343 -16.69 -1.28 4.68
N MET A 344 -15.52 -1.90 4.74
CA MET A 344 -15.36 -3.22 5.36
C MET A 344 -15.10 -2.98 6.84
N GLY A 345 -16.12 -2.48 7.52
CA GLY A 345 -16.02 -2.11 8.92
C GLY A 345 -14.96 -1.04 9.11
N ASN A 346 -14.08 -1.29 10.08
CA ASN A 346 -12.94 -0.43 10.38
C ASN A 346 -11.66 -1.12 10.01
N TYR A 347 -11.65 -1.69 8.78
CA TYR A 347 -10.42 -2.18 8.15
C TYR A 347 -9.41 -0.99 8.10
N TYR A 348 -9.91 0.20 7.75
CA TYR A 348 -9.21 1.46 7.87
C TYR A 348 -9.65 1.99 9.24
N ALA A 349 -8.68 2.42 10.06
CA ALA A 349 -8.98 2.98 11.38
C ALA A 349 -9.87 4.20 11.23
N ASN A 350 -10.94 4.25 12.02
CA ASN A 350 -11.94 5.31 12.04
C ASN A 350 -12.71 5.40 10.73
N ALA A 351 -12.79 4.31 9.96
CA ALA A 351 -13.53 4.34 8.71
C ALA A 351 -15.00 4.64 8.93
N VAL A 352 -15.63 3.97 9.89
CA VAL A 352 -17.07 4.12 10.09
C VAL A 352 -17.37 5.46 10.79
N PRO A 353 -16.70 5.85 11.90
CA PRO A 353 -16.99 7.17 12.46
C PRO A 353 -16.67 8.34 11.51
N ALA A 354 -15.62 8.24 10.66
CA ALA A 354 -15.35 9.34 9.72
C ALA A 354 -16.44 9.42 8.68
N LEU A 355 -16.91 8.25 8.19
CA LEU A 355 -18.00 8.18 7.23
C LEU A 355 -19.26 8.82 7.82
N MET A 356 -19.58 8.52 9.08
CA MET A 356 -20.80 9.12 9.69
C MET A 356 -20.69 10.64 9.76
N MET A 357 -19.48 11.18 10.02
CA MET A 357 -19.29 12.63 10.04
C MET A 357 -19.43 13.20 8.61
N MET A 358 -18.93 12.47 7.61
CA MET A 358 -19.00 12.93 6.22
C MET A 358 -20.43 12.86 5.70
N ILE A 359 -21.24 11.87 6.15
CA ILE A 359 -22.66 11.78 5.81
C ILE A 359 -23.36 13.07 6.26
N GLU A 360 -23.01 13.60 7.45
CA GLU A 360 -23.66 14.82 7.93
C GLU A 360 -23.23 16.01 7.07
N MET A 361 -21.95 16.08 6.72
CA MET A 361 -21.43 17.14 5.86
C MET A 361 -22.07 17.13 4.48
N TRP A 362 -22.31 15.94 3.92
CA TRP A 362 -22.94 15.78 2.62
C TRP A 362 -24.43 16.04 2.68
N LYS A 363 -25.07 15.73 3.81
CA LYS A 363 -26.49 16.09 3.99
C LYS A 363 -26.65 17.63 3.92
N GLN A 364 -25.67 18.36 4.50
CA GLN A 364 -25.64 19.83 4.51
C GLN A 364 -25.47 20.46 3.11
N ILE A 365 -25.01 19.70 2.09
CA ILE A 365 -24.89 20.20 0.71
C ILE A 365 -25.95 19.56 -0.25
N GLY A 366 -26.94 18.85 0.29
CA GLY A 366 -28.04 18.27 -0.47
C GLY A 366 -27.89 16.84 -0.96
N VAL A 367 -26.78 16.13 -0.64
CA VAL A 367 -26.56 14.75 -1.08
C VAL A 367 -26.81 13.76 0.03
N THR A 368 -27.54 12.67 -0.28
CA THR A 368 -27.84 11.62 0.68
C THR A 368 -26.93 10.44 0.45
N VAL A 369 -26.03 10.18 1.40
CA VAL A 369 -25.11 9.05 1.33
C VAL A 369 -25.50 8.07 2.45
N VAL A 370 -25.62 6.76 2.11
N VAL A 370 -25.60 6.76 2.10
CA VAL A 370 -26.02 5.74 3.09
CA VAL A 370 -26.02 5.67 2.98
C VAL A 370 -24.85 4.75 3.28
C VAL A 370 -24.81 4.77 3.28
N PRO A 371 -24.52 4.40 4.54
CA PRO A 371 -23.40 3.48 4.77
C PRO A 371 -23.78 2.04 4.43
N LYS A 372 -22.84 1.29 3.85
CA LYS A 372 -23.02 -0.12 3.60
C LYS A 372 -21.78 -0.77 4.17
N VAL A 373 -21.92 -1.25 5.40
CA VAL A 373 -20.84 -1.85 6.15
C VAL A 373 -20.89 -3.35 5.88
N TYR A 374 -19.75 -3.94 5.48
CA TYR A 374 -19.68 -5.37 5.15
C TYR A 374 -18.54 -6.04 5.90
N ALA A 375 -18.65 -7.36 6.08
CA ALA A 375 -17.65 -8.15 6.79
C ALA A 375 -16.59 -8.62 5.78
N PRO A 376 -15.38 -9.06 6.22
CA PRO A 376 -14.40 -9.55 5.24
C PRO A 376 -14.96 -10.68 4.36
N GLY A 377 -14.69 -10.60 3.07
CA GLY A 377 -15.23 -11.56 2.10
C GLY A 377 -16.61 -11.18 1.56
N GLY A 378 -17.23 -10.13 2.10
CA GLY A 378 -18.54 -9.70 1.65
C GLY A 378 -18.48 -8.48 0.75
N ALA A 379 -17.35 -8.29 0.01
CA ALA A 379 -17.19 -7.13 -0.85
C ALA A 379 -18.22 -7.13 -1.98
N PRO A 380 -18.80 -5.97 -2.35
CA PRO A 380 -19.81 -5.98 -3.42
C PRO A 380 -19.20 -6.16 -4.79
N LYS A 381 -20.01 -6.60 -5.76
CA LYS A 381 -19.55 -6.71 -7.15
C LYS A 381 -19.35 -5.27 -7.67
N ASP A 382 -18.43 -5.05 -8.62
CA ASP A 382 -18.15 -3.69 -9.11
C ASP A 382 -19.42 -2.91 -9.52
N GLN A 383 -20.35 -3.56 -10.23
CA GLN A 383 -21.64 -2.97 -10.61
C GLN A 383 -22.51 -2.45 -9.43
N ASP A 384 -22.30 -2.98 -8.21
CA ASP A 384 -23.01 -2.58 -6.98
C ASP A 384 -22.21 -1.55 -6.13
N SER A 385 -20.99 -1.20 -6.52
CA SER A 385 -20.18 -0.24 -5.78
C SER A 385 -20.33 1.15 -6.40
N TYR A 386 -20.52 2.17 -5.58
CA TYR A 386 -20.67 3.56 -6.01
C TYR A 386 -19.55 4.32 -5.28
N MET A 387 -19.72 4.72 -4.00
CA MET A 387 -18.64 5.31 -3.22
C MET A 387 -18.01 4.19 -2.38
N ARG A 388 -16.73 4.35 -2.09
CA ARG A 388 -16.02 3.41 -1.21
C ARG A 388 -14.81 4.10 -0.62
N ASN A 389 -14.26 3.52 0.42
CA ASN A 389 -13.03 4.05 1.00
C ASN A 389 -11.85 3.25 0.46
N TRP A 390 -10.68 3.86 0.51
CA TRP A 390 -9.45 3.23 0.06
C TRP A 390 -8.29 3.95 0.75
N SER A 391 -7.10 3.44 0.56
CA SER A 391 -5.87 4.08 0.97
C SER A 391 -4.82 3.86 -0.08
N ASN A 392 -3.77 4.70 -0.09
CA ASN A 392 -2.62 4.43 -0.92
C ASN A 392 -1.39 4.61 -0.08
N GLY A 393 -0.54 3.59 -0.05
CA GLY A 393 0.77 3.71 0.53
C GLY A 393 1.76 4.30 -0.44
N GLN A 394 2.51 5.34 0.00
CA GLN A 394 3.47 6.06 -0.81
C GLN A 394 4.78 5.33 -0.74
N TRP A 395 4.94 4.35 -1.64
CA TRP A 395 5.98 3.37 -1.61
C TRP A 395 7.23 3.65 -2.41
N MET A 396 7.39 4.85 -2.97
CA MET A 396 8.63 5.25 -3.61
C MET A 396 9.05 6.61 -3.15
N THR A 397 10.35 6.92 -3.27
CA THR A 397 10.89 8.24 -2.92
C THR A 397 10.82 9.11 -4.17
N ASP A 398 9.64 9.10 -4.83
CA ASP A 398 9.39 9.77 -6.08
C ASP A 398 7.89 9.83 -6.29
N ALA A 399 7.38 10.97 -6.76
CA ALA A 399 5.93 11.19 -6.96
C ALA A 399 5.30 10.31 -7.99
N TRP A 400 6.09 9.54 -8.78
CA TRP A 400 5.51 8.54 -9.67
C TRP A 400 4.52 7.63 -8.89
N ALA A 401 4.85 7.29 -7.62
CA ALA A 401 3.95 6.50 -6.81
C ALA A 401 3.27 7.45 -5.84
N THR A 402 1.92 7.45 -5.68
CA THR A 402 0.96 6.61 -6.37
C THR A 402 0.15 7.35 -7.41
N MET A 403 0.42 8.65 -7.69
CA MET A 403 -0.34 9.39 -8.70
C MET A 403 -0.33 8.65 -10.04
N ILE A 404 0.84 8.25 -10.52
CA ILE A 404 0.93 7.62 -11.84
C ILE A 404 0.55 6.14 -11.74
N CYS A 405 1.10 5.40 -10.75
N CYS A 405 1.16 5.38 -10.83
CA CYS A 405 0.78 3.96 -10.54
CA CYS A 405 0.90 3.94 -10.78
C CYS A 405 -0.67 3.68 -10.54
C CYS A 405 -0.58 3.58 -10.40
N GLU A 406 -1.38 4.44 -9.70
CA GLU A 406 -2.80 4.14 -9.45
C GLU A 406 -3.71 4.94 -10.36
N PHE A 407 -3.42 6.24 -10.55
CA PHE A 407 -4.31 7.17 -11.24
C PHE A 407 -3.91 7.47 -12.69
N GLY A 408 -2.74 6.99 -13.12
CA GLY A 408 -2.30 7.19 -14.49
C GLY A 408 -3.03 6.31 -15.49
N PRO A 409 -2.75 6.52 -16.79
CA PRO A 409 -3.49 5.77 -17.82
C PRO A 409 -3.40 4.23 -17.77
N LYS A 410 -2.31 3.68 -17.23
CA LYS A 410 -2.15 2.23 -17.07
C LYS A 410 -2.79 1.69 -15.74
N GLY A 411 -3.18 2.59 -14.83
CA GLY A 411 -3.74 2.21 -13.54
C GLY A 411 -5.16 1.72 -13.51
N GLN A 412 -5.54 1.21 -12.33
CA GLN A 412 -6.87 0.64 -12.06
C GLN A 412 -7.97 1.67 -11.90
N VAL A 413 -7.63 2.92 -11.55
CA VAL A 413 -8.64 3.94 -11.34
C VAL A 413 -9.25 4.26 -12.72
N GLN A 414 -8.41 4.35 -13.77
CA GLN A 414 -8.93 4.60 -15.11
C GLN A 414 -9.44 3.30 -15.73
N LYS A 415 -8.62 2.25 -15.74
CA LYS A 415 -8.98 0.99 -16.42
C LYS A 415 -10.18 0.26 -15.78
N ARG A 416 -10.08 -0.12 -14.49
CA ARG A 416 -11.14 -0.84 -13.81
C ARG A 416 -12.30 0.06 -13.33
N TRP A 417 -11.99 1.21 -12.72
CA TRP A 417 -13.01 2.04 -12.10
C TRP A 417 -13.53 3.18 -12.96
N GLY A 418 -13.17 3.24 -14.23
CA GLY A 418 -13.75 4.16 -15.19
C GLY A 418 -13.51 5.66 -15.14
N TRP A 419 -12.38 6.14 -14.53
CA TRP A 419 -12.13 7.58 -14.56
C TRP A 419 -11.66 7.96 -15.94
N LYS A 420 -12.42 8.81 -16.64
CA LYS A 420 -12.00 9.28 -17.95
C LYS A 420 -11.19 10.54 -17.69
N ALA A 421 -9.88 10.38 -17.53
CA ALA A 421 -9.01 11.49 -17.18
C ALA A 421 -8.81 12.45 -18.34
N PRO A 422 -8.64 13.78 -18.12
CA PRO A 422 -8.33 14.67 -19.25
C PRO A 422 -7.09 14.20 -19.99
N ALA A 423 -7.05 14.41 -21.29
CA ALA A 423 -5.90 14.03 -22.11
C ALA A 423 -4.60 14.66 -21.61
N GLU A 424 -4.65 15.93 -21.12
CA GLU A 424 -3.46 16.58 -20.57
C GLU A 424 -2.93 15.80 -19.37
N PHE A 425 -3.81 15.20 -18.57
CA PHE A 425 -3.37 14.42 -17.42
C PHE A 425 -2.57 13.20 -17.85
N ASN A 426 -3.11 12.39 -18.78
CA ASN A 426 -2.43 11.20 -19.26
C ASN A 426 -1.16 11.53 -20.05
N ASP A 427 -1.18 12.63 -20.85
CA ASP A 427 0.03 13.08 -21.54
C ASP A 427 1.11 13.52 -20.52
N LEU A 428 0.71 14.23 -19.42
CA LEU A 428 1.65 14.64 -18.36
C LEU A 428 2.22 13.41 -17.63
N CYS A 429 1.38 12.39 -17.39
CA CYS A 429 1.81 11.13 -16.78
C CYS A 429 2.89 10.49 -17.65
N THR A 430 2.66 10.48 -18.96
CA THR A 430 3.62 9.92 -19.92
C THR A 430 4.93 10.72 -19.85
N LYS A 431 4.82 12.05 -19.89
CA LYS A 431 5.94 12.98 -19.85
C LYS A 431 6.82 12.82 -18.61
N VAL A 432 6.22 12.84 -17.41
CA VAL A 432 6.99 12.72 -16.15
C VAL A 432 7.78 11.42 -16.09
N SER A 433 7.25 10.34 -16.67
CA SER A 433 7.89 9.04 -16.65
C SER A 433 9.06 8.93 -17.66
N GLN A 434 9.24 9.91 -18.58
CA GLN A 434 10.35 9.88 -19.55
C GLN A 434 11.33 11.06 -19.40
N ILE A 435 11.25 11.84 -18.30
CA ILE A 435 12.16 12.98 -18.07
C ILE A 435 12.80 12.88 -16.66
N PRO A 436 14.01 13.43 -16.44
CA PRO A 436 14.63 13.33 -15.11
C PRO A 436 14.15 14.40 -14.14
N ASP A 437 14.62 14.36 -12.86
CA ASP A 437 14.26 15.37 -11.87
C ASP A 437 14.76 16.74 -12.36
N SER A 438 13.85 17.70 -12.40
CA SER A 438 14.10 19.04 -12.92
C SER A 438 12.88 19.94 -12.64
N LYS A 439 12.96 21.24 -12.95
CA LYS A 439 11.84 22.14 -12.76
C LYS A 439 10.67 21.72 -13.65
N GLU A 440 10.93 21.21 -14.87
CA GLU A 440 9.88 20.70 -15.77
C GLU A 440 9.10 19.57 -15.07
N ARG A 441 9.81 18.57 -14.51
CA ARG A 441 9.20 17.41 -13.84
C ARG A 441 8.45 17.83 -12.58
N PHE A 442 9.06 18.68 -11.75
CA PHE A 442 8.46 19.22 -10.52
C PHE A 442 7.15 19.98 -10.83
N ASP A 443 7.17 20.85 -11.85
CA ASP A 443 5.98 21.61 -12.24
C ASP A 443 4.92 20.66 -12.84
N ALA A 444 5.34 19.64 -13.58
CA ALA A 444 4.42 18.68 -14.17
C ALA A 444 3.64 17.92 -13.11
N PHE A 445 4.28 17.51 -11.99
CA PHE A 445 3.56 16.84 -10.91
C PHE A 445 2.56 17.80 -10.25
N ASN A 446 2.89 19.10 -10.16
CA ASN A 446 1.98 20.08 -9.61
C ASN A 446 0.76 20.27 -10.51
N ARG A 447 0.95 20.26 -11.84
CA ARG A 447 -0.18 20.29 -12.77
C ARG A 447 -1.04 19.02 -12.58
N LEU A 448 -0.42 17.85 -12.44
CA LEU A 448 -1.17 16.60 -12.22
C LEU A 448 -1.97 16.69 -10.91
N ARG A 449 -1.39 17.28 -9.85
CA ARG A 449 -2.09 17.46 -8.58
C ARG A 449 -3.28 18.38 -8.75
N ASP A 450 -3.11 19.46 -9.53
CA ASP A 450 -4.20 20.40 -9.79
C ASP A 450 -5.32 19.70 -10.55
N ILE A 451 -4.99 18.86 -11.51
CA ILE A 451 -6.00 18.15 -12.30
C ILE A 451 -6.69 17.16 -11.40
N PHE A 452 -5.94 16.39 -10.61
CA PHE A 452 -6.52 15.46 -9.64
C PHE A 452 -7.61 16.14 -8.75
N GLU A 453 -7.33 17.35 -8.23
CA GLU A 453 -8.27 18.07 -7.36
C GLU A 453 -9.47 18.59 -8.11
N GLU A 454 -9.30 18.96 -9.38
CA GLU A 454 -10.41 19.41 -10.18
C GLU A 454 -11.31 18.24 -10.59
N GLU A 455 -10.71 17.08 -10.88
CA GLU A 455 -11.44 15.92 -11.38
C GLU A 455 -12.03 15.04 -10.31
N ALA A 456 -11.39 15.03 -9.12
CA ALA A 456 -11.79 14.26 -7.97
C ALA A 456 -12.09 12.78 -8.28
N PRO A 457 -11.15 12.09 -8.95
CA PRO A 457 -11.33 10.63 -9.12
C PRO A 457 -11.32 9.92 -7.75
N ALA A 458 -10.67 10.58 -6.77
CA ALA A 458 -10.58 10.22 -5.37
C ALA A 458 -10.46 11.51 -4.57
N VAL A 459 -10.70 11.42 -3.25
CA VAL A 459 -10.63 12.56 -2.36
C VAL A 459 -9.77 12.16 -1.18
N ILE A 460 -8.63 12.84 -1.04
CA ILE A 460 -7.70 12.54 0.02
C ILE A 460 -8.29 13.07 1.32
N LEU A 461 -8.28 12.24 2.39
CA LEU A 461 -8.76 12.66 3.71
C LEU A 461 -7.62 13.14 4.61
N TYR A 462 -6.64 12.26 4.84
CA TYR A 462 -5.53 12.57 5.73
C TYR A 462 -4.57 11.38 5.73
N GLN A 463 -3.39 11.56 6.33
CA GLN A 463 -2.48 10.48 6.61
C GLN A 463 -2.84 10.04 8.04
N PRO A 464 -3.21 8.77 8.28
CA PRO A 464 -3.57 8.36 9.64
C PRO A 464 -2.38 8.36 10.59
N PHE A 465 -2.66 8.49 11.88
CA PHE A 465 -1.65 8.37 12.93
C PHE A 465 -1.88 6.93 13.29
N ASP A 466 -1.06 6.05 12.72
CA ASP A 466 -1.25 4.63 12.92
C ASP A 466 -0.72 4.26 14.28
N VAL A 467 -1.50 3.50 15.02
CA VAL A 467 -1.15 3.03 16.36
C VAL A 467 -1.18 1.52 16.39
N TYR A 468 -0.19 0.89 17.01
CA TYR A 468 -0.25 -0.54 17.33
C TYR A 468 0.04 -0.65 18.83
N ALA A 469 -0.22 -1.82 19.35
CA ALA A 469 0.03 -2.07 20.77
C ALA A 469 0.58 -3.42 20.96
N ALA A 470 1.38 -3.57 22.04
CA ALA A 470 2.01 -4.85 22.27
C ALA A 470 2.40 -4.99 23.73
N ARG A 471 2.61 -6.20 24.17
CA ARG A 471 3.24 -6.47 25.46
C ARG A 471 4.63 -5.88 25.44
N LYS A 472 5.01 -5.26 26.54
CA LYS A 472 6.38 -4.74 26.63
C LYS A 472 7.41 -5.84 26.53
N ASP A 473 7.09 -7.02 27.01
CA ASP A 473 8.02 -8.15 26.97
C ASP A 473 8.11 -8.85 25.59
N VAL A 474 7.45 -8.32 24.59
CA VAL A 474 7.52 -8.80 23.20
C VAL A 474 8.37 -7.78 22.50
N HIS A 475 9.65 -8.10 22.27
CA HIS A 475 10.62 -7.14 21.78
C HIS A 475 10.86 -7.14 20.28
N TRP A 476 10.05 -7.86 19.55
CA TRP A 476 10.12 -7.92 18.09
C TRP A 476 8.69 -8.05 17.61
N ARG A 477 8.29 -7.17 16.68
CA ARG A 477 6.91 -7.11 16.26
C ARG A 477 6.75 -7.08 14.77
N PRO A 478 6.36 -8.20 14.14
CA PRO A 478 6.32 -8.28 12.68
C PRO A 478 5.01 -7.78 12.14
N ILE A 479 4.83 -6.48 12.23
CA ILE A 479 3.61 -5.84 11.74
C ILE A 479 3.92 -4.70 10.70
N SER A 480 5.20 -4.54 10.30
CA SER A 480 5.70 -3.58 9.30
C SER A 480 5.16 -2.16 9.46
N PHE A 481 5.81 -1.37 10.32
CA PHE A 481 5.47 0.04 10.56
C PHE A 481 5.56 0.85 9.25
#